data_6EJ0
#
_entry.id   6EJ0
#
_cell.length_a   141.820
_cell.length_b   141.820
_cell.length_c   151.750
_cell.angle_alpha   90.000
_cell.angle_beta   90.000
_cell.angle_gamma   120.000
#
_symmetry.space_group_name_H-M   'P 65 2 2'
#
loop_
_entity.id
_entity.type
_entity.pdbx_description
1 polymer 'Lysine-specific demethylase 5B,Lysine-specific demethylase 5B'
2 non-polymer 'ZINC ION'
3 non-polymer 'MANGANESE (II) ION'
4 non-polymer 1,2-ETHANEDIOL
5 non-polymer 'DIMETHYL SULFOXIDE'
6 non-polymer 7-oxidanylidene-6-propan-2-yl-5-[1-(1-prop-2-enoylpiperidin-4-yl)pyrazol-4-yl]-6~{H}-pyrazolo[1,5-a]pyrimidine-3-carbonitrile
7 water water
#
_entity_poly.entity_id   1
_entity_poly.type   'polypeptide(L)'
_entity_poly.pdbx_seq_one_letter_code
;MFLPPPECPVFEPSWEEFADPFAFIHKIRPIAEQTGICKVRPPPDWQPPFACDVDKLHFTPRIQRLNELEAQTRGGGGRD
YTLRTFGEMADAFKSDYFNMPVHMVPTELVEKEFWRLVSTIEEDVTVEYGADIASKEFGSGFPVRDGKIKLSPEEEEYLD
SGWNLNNMPVMEQSVLAHITADICGMKLPWLYVGMCFSSFCWHIEDHWSYSINYLHWGEPKTWYGVPGYAAEQLENVMKK
LAPELFVSQPDLLHQLVTIMNPNTLMTHEVPVYRTNQCAGEFVITFPRAYHSGFNQGFNFAEAVNFCTVDWLPLGRQCVE
HYRLLHRYCVFSHDEMICKMASKADVLDVVVASTVQKDMAIMIEDEKALRETVRKLGVIDSERMDFELLPDDERQCVKCK
TTCFMSAISCSCKPGLLVCLHHVKELCSCPPYKYKLRYRYTLDDLYPMMNALKLRAES
;
_entity_poly.pdbx_strand_id   A
#
loop_
_chem_comp.id
_chem_comp.type
_chem_comp.name
_chem_comp.formula
B7K non-polymer 7-oxidanylidene-6-propan-2-yl-5-[1-(1-prop-2-enoylpiperidin-4-yl)pyrazol-4-yl]-6~{H}-pyrazolo[1,5-a]pyrimidine-3-carbonitrile 'C21 H23 N7 O2'
DMS non-polymer 'DIMETHYL SULFOXIDE' 'C2 H6 O S'
EDO non-polymer 1,2-ETHANEDIOL 'C2 H6 O2'
MN non-polymer 'MANGANESE (II) ION' 'Mn 2'
ZN non-polymer 'ZINC ION' 'Zn 2'
#
# COMPACT_ATOMS: atom_id res chain seq x y z
N MET A 1 -31.18 5.68 -6.23
CA MET A 1 -30.50 6.77 -6.92
C MET A 1 -29.04 6.97 -6.48
N PHE A 2 -28.17 7.28 -7.45
CA PHE A 2 -26.75 7.48 -7.21
C PHE A 2 -26.32 8.84 -7.71
N LEU A 3 -25.69 9.62 -6.84
CA LEU A 3 -25.13 10.91 -7.21
C LEU A 3 -23.63 10.78 -7.32
N PRO A 4 -23.05 10.81 -8.52
CA PRO A 4 -21.60 10.58 -8.66
C PRO A 4 -20.81 11.63 -7.91
N PRO A 5 -19.77 11.23 -7.17
CA PRO A 5 -18.92 12.22 -6.49
C PRO A 5 -18.24 13.13 -7.51
N PRO A 6 -17.74 14.27 -7.08
CA PRO A 6 -17.00 15.13 -8.00
C PRO A 6 -15.77 14.41 -8.55
N GLU A 7 -15.36 14.83 -9.75
CA GLU A 7 -14.20 14.24 -10.39
C GLU A 7 -12.92 14.61 -9.64
N CYS A 8 -12.00 13.65 -9.56
CA CYS A 8 -10.69 13.94 -8.98
C CYS A 8 -9.84 14.72 -9.99
N PRO A 9 -8.72 15.30 -9.56
CA PRO A 9 -7.84 16.01 -10.50
C PRO A 9 -7.27 15.07 -11.56
N VAL A 10 -7.10 15.62 -12.77
CA VAL A 10 -6.49 14.93 -13.90
C VAL A 10 -5.30 15.75 -14.36
N PHE A 11 -4.14 15.11 -14.46
CA PHE A 11 -2.91 15.78 -14.84
C PHE A 11 -2.46 15.25 -16.20
N GLU A 12 -1.93 16.15 -17.02
CA GLU A 12 -1.43 15.82 -18.34
C GLU A 12 -0.03 16.42 -18.43
N PRO A 13 0.96 15.75 -17.83
CA PRO A 13 2.32 16.30 -17.83
C PRO A 13 2.90 16.38 -19.23
N SER A 14 3.62 17.48 -19.49
CA SER A 14 4.50 17.54 -20.65
C SER A 14 5.59 16.48 -20.50
N TRP A 15 6.29 16.20 -21.59
CA TRP A 15 7.36 15.21 -21.46
C TRP A 15 8.43 15.68 -20.48
N GLU A 16 8.69 16.98 -20.38
CA GLU A 16 9.67 17.46 -19.41
C GLU A 16 9.21 17.13 -17.99
N GLU A 17 7.97 17.46 -17.65
CA GLU A 17 7.43 17.12 -16.33
C GLU A 17 7.41 15.62 -16.10
N PHE A 18 7.10 14.86 -17.16
CA PHE A 18 6.86 13.42 -17.04
C PHE A 18 8.15 12.64 -16.82
N ALA A 19 9.29 13.21 -17.25
CA ALA A 19 10.54 12.46 -17.28
C ALA A 19 10.91 11.88 -15.92
N ASP A 20 10.57 12.58 -14.84
CA ASP A 20 10.90 12.14 -13.48
C ASP A 20 9.63 11.97 -12.66
N PRO A 21 9.18 10.73 -12.43
CA PRO A 21 7.90 10.55 -11.73
C PRO A 21 7.91 11.11 -10.32
N PHE A 22 9.05 11.04 -9.61
CA PHE A 22 9.09 11.51 -8.24
C PHE A 22 9.02 13.03 -8.17
N ALA A 23 9.73 13.73 -9.08
CA ALA A 23 9.59 15.18 -9.16
C ALA A 23 8.16 15.58 -9.49
N PHE A 24 7.53 14.87 -10.41
CA PHE A 24 6.16 15.18 -10.80
C PHE A 24 5.19 14.95 -9.64
N ILE A 25 5.33 13.82 -8.95
CA ILE A 25 4.42 13.51 -7.84
C ILE A 25 4.56 14.54 -6.73
N HIS A 26 5.78 15.01 -6.49
CA HIS A 26 6.01 16.08 -5.52
C HIS A 26 5.37 17.39 -5.99
N LYS A 27 5.45 17.68 -7.29
CA LYS A 27 4.84 18.88 -7.83
C LYS A 27 3.32 18.88 -7.63
N ILE A 28 2.64 17.78 -7.98
CA ILE A 28 1.18 17.75 -7.90
C ILE A 28 0.67 17.53 -6.49
N ARG A 29 1.54 17.16 -5.56
CA ARG A 29 1.11 16.80 -4.21
C ARG A 29 0.20 17.84 -3.54
N PRO A 30 0.52 19.13 -3.56
CA PRO A 30 -0.40 20.10 -2.94
C PRO A 30 -1.84 19.96 -3.41
N ILE A 31 -2.06 19.69 -4.70
CA ILE A 31 -3.41 19.52 -5.22
C ILE A 31 -3.95 18.12 -4.89
N ALA A 32 -3.19 17.09 -5.29
CA ALA A 32 -3.69 15.72 -5.23
C ALA A 32 -3.91 15.23 -3.81
N GLU A 33 -3.13 15.71 -2.85
CA GLU A 33 -3.31 15.20 -1.48
C GLU A 33 -4.59 15.71 -0.84
N GLN A 34 -5.19 16.78 -1.39
CA GLN A 34 -6.51 17.24 -0.95
C GLN A 34 -7.64 16.36 -1.48
N THR A 35 -7.38 15.52 -2.47
CA THR A 35 -8.41 14.67 -3.02
C THR A 35 -8.11 13.19 -2.83
N GLY A 36 -6.94 12.84 -2.33
CA GLY A 36 -6.60 11.44 -2.07
C GLY A 36 -6.15 10.66 -3.29
N ILE A 37 -6.87 10.78 -4.40
CA ILE A 37 -6.46 10.17 -5.65
C ILE A 37 -6.36 11.25 -6.73
N CYS A 38 -5.57 10.96 -7.74
CA CYS A 38 -5.54 11.76 -8.95
C CYS A 38 -5.23 10.82 -10.12
N LYS A 39 -5.50 11.31 -11.32
CA LYS A 39 -5.26 10.57 -12.54
C LYS A 39 -4.14 11.29 -13.31
N VAL A 40 -3.26 10.51 -13.93
CA VAL A 40 -2.17 11.06 -14.74
C VAL A 40 -2.28 10.45 -16.13
N ARG A 41 -2.44 11.30 -17.15
N ARG A 41 -2.39 11.32 -17.15
CA ARG A 41 -2.36 10.81 -18.52
CA ARG A 41 -2.37 10.90 -18.53
C ARG A 41 -0.97 11.11 -19.06
C ARG A 41 -0.97 11.13 -19.09
N PRO A 42 -0.23 10.09 -19.47
CA PRO A 42 1.12 10.29 -19.94
C PRO A 42 1.13 11.04 -21.26
N PRO A 43 2.26 11.64 -21.64
CA PRO A 43 2.36 12.25 -22.97
C PRO A 43 1.91 11.28 -24.05
N PRO A 44 1.33 11.78 -25.14
CA PRO A 44 0.59 10.89 -26.06
C PRO A 44 1.43 9.81 -26.71
N ASP A 45 2.72 10.05 -26.94
CA ASP A 45 3.55 9.02 -27.56
C ASP A 45 4.11 8.02 -26.56
N TRP A 46 4.14 8.36 -25.26
CA TRP A 46 4.52 7.39 -24.24
C TRP A 46 3.53 6.23 -24.25
N GLN A 47 3.83 5.17 -24.98
CA GLN A 47 2.93 4.03 -25.10
C GLN A 47 3.78 2.78 -24.96
N PRO A 48 3.89 2.26 -23.75
CA PRO A 48 4.59 0.99 -23.55
C PRO A 48 3.83 -0.12 -24.26
N PRO A 49 4.54 -1.07 -24.88
CA PRO A 49 3.84 -2.09 -25.67
C PRO A 49 3.25 -3.15 -24.76
N PHE A 50 1.93 -3.27 -24.78
CA PHE A 50 1.23 -4.38 -24.15
C PHE A 50 1.29 -5.56 -25.11
N ALA A 51 2.03 -6.60 -24.75
CA ALA A 51 2.18 -7.77 -25.58
C ALA A 51 2.25 -9.02 -24.70
N CYS A 52 1.34 -9.96 -24.94
CA CYS A 52 1.26 -11.21 -24.17
C CYS A 52 0.49 -12.24 -24.97
N ASP A 53 0.66 -13.51 -24.56
CA ASP A 53 -0.09 -14.62 -25.14
C ASP A 53 -1.27 -14.91 -24.21
N VAL A 54 -2.48 -14.74 -24.73
CA VAL A 54 -3.66 -14.92 -23.92
C VAL A 54 -3.86 -16.36 -23.48
N ASP A 55 -3.16 -17.32 -24.11
CA ASP A 55 -3.38 -18.73 -23.84
C ASP A 55 -2.35 -19.33 -22.89
N LYS A 56 -1.19 -18.70 -22.71
CA LYS A 56 -0.22 -19.18 -21.75
C LYS A 56 -0.22 -18.36 -20.47
N LEU A 57 -0.89 -17.22 -20.45
CA LEU A 57 -1.08 -16.48 -19.21
C LEU A 57 -2.29 -17.08 -18.50
N HIS A 58 -2.08 -17.60 -17.29
CA HIS A 58 -3.20 -18.21 -16.58
C HIS A 58 -3.05 -17.95 -15.08
N PHE A 59 -4.18 -18.05 -14.37
CA PHE A 59 -4.21 -17.68 -12.97
C PHE A 59 -5.42 -18.32 -12.29
N THR A 60 -5.34 -18.40 -10.96
CA THR A 60 -6.44 -18.94 -10.16
C THR A 60 -7.40 -17.82 -9.81
N PRO A 61 -8.68 -17.90 -10.19
CA PRO A 61 -9.59 -16.78 -9.96
C PRO A 61 -9.98 -16.67 -8.49
N ARG A 62 -10.18 -15.43 -8.05
CA ARG A 62 -10.87 -15.16 -6.80
C ARG A 62 -12.33 -14.87 -7.09
N ILE A 63 -13.19 -15.16 -6.11
CA ILE A 63 -14.63 -15.05 -6.27
C ILE A 63 -15.16 -14.03 -5.25
N GLN A 64 -16.21 -13.33 -5.66
CA GLN A 64 -16.64 -12.13 -4.97
C GLN A 64 -18.15 -12.06 -5.02
N ARG A 65 -18.79 -11.97 -3.86
CA ARG A 65 -20.20 -11.62 -3.79
C ARG A 65 -20.32 -10.12 -3.58
N LEU A 66 -21.33 -9.52 -4.19
CA LEU A 66 -21.42 -8.06 -4.28
C LEU A 66 -22.57 -7.56 -3.40
N ASN A 67 -22.28 -7.45 -2.10
CA ASN A 67 -23.24 -6.93 -1.13
C ASN A 67 -22.60 -5.82 -0.33
N GLU A 68 -23.25 -4.66 -0.33
CA GLU A 68 -22.73 -3.50 0.40
C GLU A 68 -22.70 -3.80 1.90
N LEU A 69 -21.61 -3.37 2.55
CA LEU A 69 -21.38 -3.47 4.00
C LEU A 69 -21.09 -4.89 4.47
N GLU A 70 -21.17 -5.87 3.57
CA GLU A 70 -20.83 -7.24 3.91
C GLU A 70 -19.32 -7.41 3.93
N ALA A 71 -18.82 -8.13 4.93
CA ALA A 71 -17.38 -8.26 5.10
C ALA A 71 -16.78 -9.17 4.04
N GLN A 72 -15.59 -8.80 3.58
CA GLN A 72 -14.72 -9.59 2.71
C GLN A 72 -13.31 -9.56 3.31
N THR A 73 -12.45 -10.47 2.86
CA THR A 73 -11.10 -10.59 3.43
C THR A 73 -10.03 -10.32 2.36
N ARG A 74 -8.80 -10.10 2.82
CA ARG A 74 -7.62 -9.89 1.96
C ARG A 74 -6.79 -11.17 1.78
N ARG A 79 -10.23 -24.37 -9.73
CA ARG A 79 -10.58 -23.54 -10.88
C ARG A 79 -9.31 -22.90 -11.46
N ASP A 80 -9.30 -22.65 -12.76
CA ASP A 80 -8.17 -21.98 -13.40
C ASP A 80 -8.58 -21.40 -14.74
N TYR A 81 -8.17 -20.15 -14.99
CA TYR A 81 -8.50 -19.43 -16.22
C TYR A 81 -7.23 -19.12 -16.98
N THR A 82 -7.28 -19.16 -18.32
CA THR A 82 -6.31 -18.38 -19.05
C THR A 82 -6.85 -16.97 -19.21
N LEU A 83 -5.97 -16.04 -19.56
CA LEU A 83 -6.43 -14.71 -19.92
C LEU A 83 -7.53 -14.80 -20.98
N ARG A 84 -7.39 -15.70 -21.95
CA ARG A 84 -8.43 -15.85 -22.97
C ARG A 84 -9.73 -16.38 -22.38
N THR A 85 -9.66 -17.45 -21.59
CA THR A 85 -10.94 -17.99 -21.10
C THR A 85 -11.57 -17.05 -20.08
N PHE A 86 -10.75 -16.33 -19.30
CA PHE A 86 -11.34 -15.33 -18.41
C PHE A 86 -12.01 -14.23 -19.21
N GLY A 87 -11.33 -13.74 -20.25
CA GLY A 87 -11.93 -12.71 -21.09
C GLY A 87 -13.22 -13.15 -21.73
N GLU A 88 -13.29 -14.41 -22.19
CA GLU A 88 -14.52 -14.87 -22.81
C GLU A 88 -15.66 -14.93 -21.80
N MET A 89 -15.37 -15.41 -20.59
CA MET A 89 -16.36 -15.39 -19.52
C MET A 89 -16.76 -13.97 -19.18
N ALA A 90 -15.76 -13.09 -18.99
CA ALA A 90 -16.02 -11.72 -18.59
C ALA A 90 -16.91 -11.00 -19.60
N ASP A 91 -16.62 -11.17 -20.88
CA ASP A 91 -17.38 -10.49 -21.93
C ASP A 91 -18.81 -11.02 -22.02
N ALA A 92 -18.96 -12.35 -22.03
CA ALA A 92 -20.31 -12.92 -22.05
C ALA A 92 -21.11 -12.51 -20.82
N PHE A 93 -20.46 -12.45 -19.65
CA PHE A 93 -21.16 -12.01 -18.45
C PHE A 93 -21.76 -10.64 -18.63
N LYS A 94 -20.96 -9.68 -19.12
CA LYS A 94 -21.44 -8.31 -19.21
C LYS A 94 -22.47 -8.15 -20.30
N SER A 95 -22.23 -8.74 -21.49
CA SER A 95 -23.19 -8.56 -22.56
C SER A 95 -24.52 -9.23 -22.22
N ASP A 96 -24.49 -10.36 -21.49
CA ASP A 96 -25.73 -10.99 -21.05
C ASP A 96 -26.41 -10.20 -19.95
N TYR A 97 -25.62 -9.60 -19.05
CA TYR A 97 -26.20 -8.82 -17.96
C TYR A 97 -27.01 -7.66 -18.49
N PHE A 98 -26.50 -6.96 -19.51
CA PHE A 98 -27.18 -5.79 -20.04
C PHE A 98 -27.94 -6.06 -21.32
N ASN A 99 -27.82 -7.28 -21.88
CA ASN A 99 -28.34 -7.59 -23.22
C ASN A 99 -27.89 -6.54 -24.24
N MET A 100 -26.62 -6.18 -24.18
CA MET A 100 -26.04 -5.21 -25.09
C MET A 100 -24.63 -5.64 -25.47
N PRO A 101 -24.10 -5.15 -26.58
CA PRO A 101 -22.66 -5.26 -26.81
C PRO A 101 -21.90 -4.43 -25.78
N VAL A 102 -20.70 -4.90 -25.44
CA VAL A 102 -20.03 -4.46 -24.22
C VAL A 102 -19.66 -2.98 -24.23
N HIS A 103 -19.39 -2.42 -25.41
CA HIS A 103 -18.96 -1.03 -25.50
C HIS A 103 -20.09 -0.08 -25.79
N MET A 104 -21.30 -0.59 -25.83
CA MET A 104 -22.44 0.30 -25.82
C MET A 104 -23.02 0.44 -24.43
N VAL A 105 -22.45 -0.23 -23.44
CA VAL A 105 -22.91 0.01 -22.08
C VAL A 105 -22.20 1.24 -21.54
N PRO A 106 -22.90 2.37 -21.40
CA PRO A 106 -22.27 3.59 -20.88
C PRO A 106 -21.70 3.36 -19.49
N THR A 107 -20.53 3.99 -19.25
CA THR A 107 -19.87 3.85 -17.95
C THR A 107 -20.75 4.35 -16.81
N GLU A 108 -21.54 5.39 -17.06
CA GLU A 108 -22.43 5.94 -16.04
C GLU A 108 -23.50 4.93 -15.63
N LEU A 109 -23.98 4.15 -16.60
CA LEU A 109 -24.99 3.14 -16.31
C LEU A 109 -24.40 2.00 -15.53
N VAL A 110 -23.19 1.54 -15.91
CA VAL A 110 -22.54 0.50 -15.13
C VAL A 110 -22.35 0.97 -13.69
N GLU A 111 -21.92 2.21 -13.50
CA GLU A 111 -21.76 2.75 -12.15
C GLU A 111 -23.08 2.75 -11.38
N LYS A 112 -24.13 3.32 -11.99
CA LYS A 112 -25.46 3.30 -11.38
C LYS A 112 -25.85 1.88 -11.01
N GLU A 113 -25.72 0.97 -11.98
CA GLU A 113 -26.16 -0.41 -11.75
C GLU A 113 -25.34 -1.08 -10.67
N PHE A 114 -24.03 -0.83 -10.64
CA PHE A 114 -23.21 -1.40 -9.58
C PHE A 114 -23.75 -1.02 -8.22
N TRP A 115 -24.03 0.27 -8.00
CA TRP A 115 -24.47 0.68 -6.67
C TRP A 115 -25.90 0.19 -6.39
N ARG A 116 -26.75 0.04 -7.40
CA ARG A 116 -28.03 -0.62 -7.16
C ARG A 116 -27.82 -2.06 -6.74
N LEU A 117 -27.06 -2.80 -7.55
CA LEU A 117 -26.85 -4.22 -7.35
C LEU A 117 -26.34 -4.54 -5.94
N VAL A 118 -25.35 -3.79 -5.44
CA VAL A 118 -24.74 -4.10 -4.15
C VAL A 118 -25.65 -3.77 -2.97
N SER A 119 -26.64 -2.89 -3.16
CA SER A 119 -27.52 -2.52 -2.07
C SER A 119 -28.75 -3.43 -1.96
N THR A 120 -29.06 -4.17 -3.03
CA THR A 120 -30.26 -5.02 -3.08
C THR A 120 -29.90 -6.44 -2.63
N ILE A 121 -30.38 -6.84 -1.45
CA ILE A 121 -30.09 -8.20 -1.00
C ILE A 121 -30.82 -9.24 -1.85
N GLU A 122 -31.81 -8.82 -2.64
CA GLU A 122 -32.56 -9.71 -3.51
C GLU A 122 -31.72 -10.30 -4.63
N GLU A 123 -30.55 -9.74 -4.91
CA GLU A 123 -29.71 -10.15 -6.04
C GLU A 123 -28.44 -10.82 -5.51
N ASP A 124 -28.21 -12.05 -5.92
CA ASP A 124 -26.99 -12.76 -5.56
C ASP A 124 -26.05 -12.80 -6.77
N VAL A 125 -25.50 -11.63 -7.08
CA VAL A 125 -24.55 -11.49 -8.17
C VAL A 125 -23.16 -11.78 -7.62
N THR A 126 -22.48 -12.77 -8.19
CA THR A 126 -21.10 -13.06 -7.84
C THR A 126 -20.25 -12.92 -9.09
N VAL A 127 -19.02 -12.43 -8.91
CA VAL A 127 -18.09 -12.24 -10.02
C VAL A 127 -16.74 -12.79 -9.60
N GLU A 128 -15.84 -12.86 -10.58
CA GLU A 128 -14.50 -13.42 -10.40
C GLU A 128 -13.47 -12.42 -10.91
N TYR A 129 -12.24 -12.59 -10.48
CA TYR A 129 -11.20 -11.66 -10.89
C TYR A 129 -9.87 -12.26 -10.54
N GLY A 130 -8.81 -11.67 -11.07
CA GLY A 130 -7.46 -12.06 -10.76
C GLY A 130 -6.78 -10.95 -9.97
N ALA A 131 -6.08 -11.36 -8.92
CA ALA A 131 -5.25 -10.42 -8.17
C ALA A 131 -4.10 -11.22 -7.56
N ASP A 132 -2.87 -10.94 -7.99
CA ASP A 132 -1.69 -11.65 -7.49
C ASP A 132 -0.45 -10.83 -7.83
N ILE A 133 0.64 -11.15 -7.13
CA ILE A 133 1.93 -10.59 -7.48
C ILE A 133 2.40 -11.23 -8.79
N ALA A 134 3.22 -10.49 -9.54
CA ALA A 134 3.87 -11.05 -10.71
C ALA A 134 4.57 -12.36 -10.36
N SER A 135 4.47 -13.33 -11.27
CA SER A 135 5.06 -14.64 -11.06
C SER A 135 5.43 -15.24 -12.41
N LYS A 136 6.07 -16.41 -12.36
CA LYS A 136 6.46 -17.09 -13.60
C LYS A 136 5.24 -17.48 -14.43
N GLU A 137 4.10 -17.74 -13.79
CA GLU A 137 2.90 -18.06 -14.56
C GLU A 137 2.18 -16.82 -15.07
N PHE A 138 2.58 -15.63 -14.61
CA PHE A 138 1.89 -14.38 -14.92
C PHE A 138 2.72 -13.18 -14.50
N GLY A 139 3.44 -12.57 -15.44
CA GLY A 139 4.39 -11.53 -15.13
C GLY A 139 3.86 -10.12 -15.39
N SER A 140 4.75 -9.15 -15.16
CA SER A 140 4.44 -7.75 -15.36
C SER A 140 3.93 -7.50 -16.77
N GLY A 141 3.00 -6.54 -16.91
CA GLY A 141 2.66 -6.06 -18.22
C GLY A 141 3.68 -5.12 -18.82
N PHE A 142 4.64 -4.64 -18.02
CA PHE A 142 5.73 -3.82 -18.52
C PHE A 142 6.90 -4.71 -18.95
N PRO A 143 7.71 -4.29 -19.93
CA PRO A 143 8.88 -5.10 -20.28
C PRO A 143 9.86 -5.18 -19.13
N VAL A 144 10.44 -6.37 -18.95
CA VAL A 144 11.47 -6.58 -17.94
C VAL A 144 12.61 -7.38 -18.55
N ARG A 145 13.78 -7.31 -17.91
CA ARG A 145 14.96 -7.98 -18.45
C ARG A 145 14.87 -9.49 -18.22
N ASP A 146 15.29 -10.25 -19.23
CA ASP A 146 15.11 -11.71 -19.25
C ASP A 146 16.02 -12.26 -20.33
N GLY A 147 17.01 -13.06 -19.94
CA GLY A 147 17.97 -13.60 -20.89
C GLY A 147 17.63 -14.97 -21.44
N ILE A 149 14.32 -13.91 -23.37
CA ILE A 149 13.62 -13.32 -24.51
C ILE A 149 14.39 -12.11 -25.05
N LYS A 150 14.45 -12.00 -26.38
CA LYS A 150 14.92 -10.79 -27.02
C LYS A 150 13.78 -9.79 -27.12
N LEU A 151 14.01 -8.58 -26.64
CA LEU A 151 13.02 -7.52 -26.69
C LEU A 151 13.22 -6.66 -27.93
N SER A 152 12.10 -6.16 -28.47
CA SER A 152 12.17 -5.18 -29.53
C SER A 152 12.81 -3.89 -29.00
N PRO A 153 13.38 -3.06 -29.89
CA PRO A 153 13.88 -1.76 -29.41
C PRO A 153 12.79 -0.96 -28.73
N GLU A 154 11.56 -1.06 -29.24
CA GLU A 154 10.39 -0.44 -28.61
C GLU A 154 10.29 -0.81 -27.13
N GLU A 155 10.30 -2.11 -26.82
CA GLU A 155 10.24 -2.56 -25.43
C GLU A 155 11.46 -2.07 -24.65
N GLU A 156 12.63 -2.01 -25.30
CA GLU A 156 13.83 -1.57 -24.60
C GLU A 156 13.75 -0.13 -24.18
N GLU A 157 13.05 0.70 -24.95
CA GLU A 157 12.82 2.10 -24.59
C GLU A 157 12.13 2.23 -23.24
N TYR A 158 11.27 1.28 -22.89
CA TYR A 158 10.47 1.34 -21.67
C TYR A 158 11.06 0.49 -20.55
N LEU A 159 12.21 -0.15 -20.80
CA LEU A 159 12.78 -1.02 -19.78
C LEU A 159 13.14 -0.24 -18.52
N ASP A 160 13.72 0.94 -18.69
CA ASP A 160 14.28 1.71 -17.60
C ASP A 160 13.43 2.90 -17.23
N SER A 161 12.21 2.98 -17.76
CA SER A 161 11.35 4.12 -17.50
C SER A 161 11.03 4.21 -16.02
N GLY A 162 11.04 5.44 -15.49
CA GLY A 162 10.55 5.64 -14.15
C GLY A 162 9.10 5.17 -13.96
N TRP A 163 8.29 5.26 -15.01
CA TRP A 163 6.89 4.87 -14.92
C TRP A 163 6.64 3.40 -15.25
N ASN A 164 7.67 2.66 -15.66
CA ASN A 164 7.61 1.20 -15.61
C ASN A 164 7.55 0.81 -14.15
N LEU A 165 6.42 0.27 -13.71
CA LEU A 165 6.18 0.07 -12.28
C LEU A 165 7.14 -0.93 -11.64
N ASN A 166 7.87 -1.72 -12.43
CA ASN A 166 8.94 -2.55 -11.84
C ASN A 166 10.11 -1.72 -11.36
N ASN A 167 10.38 -0.59 -12.02
CA ASN A 167 11.53 0.22 -11.64
C ASN A 167 11.22 1.08 -10.42
N MET A 168 10.02 1.64 -10.36
CA MET A 168 9.70 2.67 -9.37
C MET A 168 10.09 2.32 -7.94
N PRO A 169 9.85 1.10 -7.42
CA PRO A 169 10.32 0.81 -6.05
C PRO A 169 11.83 0.89 -5.91
N VAL A 170 12.57 0.43 -6.92
CA VAL A 170 13.99 0.18 -6.82
C VAL A 170 14.78 1.43 -7.21
N MET A 171 14.08 2.53 -7.52
CA MET A 171 14.83 3.74 -7.90
C MET A 171 15.43 4.42 -6.68
N GLU A 172 16.07 5.57 -6.93
CA GLU A 172 16.78 6.27 -5.86
C GLU A 172 15.84 6.69 -4.74
N GLN A 173 14.59 6.98 -5.08
CA GLN A 173 13.78 7.83 -4.22
C GLN A 173 12.61 7.11 -3.56
N SER A 174 12.36 5.81 -3.81
CA SER A 174 11.50 5.05 -2.90
C SER A 174 12.39 4.50 -1.80
N VAL A 175 12.26 5.08 -0.61
CA VAL A 175 13.07 4.66 0.54
C VAL A 175 12.86 3.17 0.78
N LEU A 176 11.75 2.62 0.27
CA LEU A 176 11.48 1.18 0.31
C LEU A 176 12.45 0.38 -0.54
N ALA A 177 13.33 1.07 -1.28
CA ALA A 177 14.31 0.38 -2.12
C ALA A 177 15.34 -0.32 -1.27
N HIS A 178 16.04 0.44 -0.43
CA HIS A 178 17.18 -0.05 0.31
C HIS A 178 16.80 -1.05 1.40
N ILE A 179 15.51 -1.28 1.64
CA ILE A 179 15.10 -2.37 2.53
C ILE A 179 15.65 -3.69 2.01
N THR A 180 16.25 -4.47 2.91
CA THR A 180 16.78 -5.79 2.63
C THR A 180 15.71 -6.87 2.78
N ALA A 181 14.92 -6.78 3.87
CA ALA A 181 13.83 -7.71 4.12
C ALA A 181 12.95 -7.86 2.90
N ASP A 182 13.01 -9.01 2.24
CA ASP A 182 12.08 -9.30 1.16
C ASP A 182 10.67 -9.17 1.70
N ILE A 183 10.03 -8.04 1.40
CA ILE A 183 8.65 -7.81 1.80
C ILE A 183 7.69 -8.56 0.87
N CYS A 184 8.05 -8.64 -0.41
CA CYS A 184 7.25 -9.20 -1.49
C CYS A 184 6.01 -8.35 -1.78
N GLY A 185 5.19 -8.08 -0.75
CA GLY A 185 3.95 -7.33 -0.96
C GLY A 185 4.14 -5.87 -1.32
N MET A 186 5.33 -5.30 -1.09
CA MET A 186 5.51 -3.85 -1.13
C MET A 186 6.64 -3.34 -2.01
N LYS A 187 7.44 -4.22 -2.61
CA LYS A 187 8.31 -3.81 -3.68
C LYS A 187 7.90 -4.40 -5.02
N LEU A 188 6.92 -5.32 -5.01
CA LEU A 188 6.57 -6.07 -6.19
C LEU A 188 5.19 -5.64 -6.69
N PRO A 189 5.04 -5.47 -8.00
CA PRO A 189 3.74 -5.08 -8.54
C PRO A 189 2.70 -6.17 -8.35
N TRP A 190 1.47 -5.73 -8.16
CA TRP A 190 0.31 -6.61 -8.24
C TRP A 190 -0.32 -6.49 -9.62
N LEU A 191 -0.85 -7.60 -10.11
CA LEU A 191 -1.54 -7.67 -11.38
C LEU A 191 -3.02 -7.91 -11.11
N TYR A 192 -3.87 -7.14 -11.80
CA TYR A 192 -5.31 -7.14 -11.53
C TYR A 192 -6.04 -7.42 -12.84
N VAL A 193 -6.67 -8.57 -12.93
CA VAL A 193 -7.47 -8.91 -14.11
C VAL A 193 -8.94 -8.71 -13.75
N GLY A 194 -9.56 -7.68 -14.31
CA GLY A 194 -10.91 -7.30 -13.95
C GLY A 194 -11.95 -7.83 -14.92
N MET A 195 -13.15 -8.02 -14.39
CA MET A 195 -14.38 -8.19 -15.14
C MET A 195 -15.42 -7.19 -14.64
N CYS A 196 -16.50 -7.02 -15.40
CA CYS A 196 -17.55 -6.08 -15.01
C CYS A 196 -18.03 -6.35 -13.59
N PHE A 197 -18.02 -5.31 -12.77
CA PHE A 197 -18.49 -5.26 -11.38
C PHE A 197 -17.49 -5.86 -10.39
N SER A 198 -16.40 -6.47 -10.83
CA SER A 198 -15.40 -6.91 -9.87
C SER A 198 -14.87 -5.67 -9.16
N SER A 199 -14.75 -5.73 -7.84
CA SER A 199 -14.55 -4.49 -7.09
C SER A 199 -13.49 -4.66 -6.01
N PHE A 200 -12.82 -3.55 -5.71
CA PHE A 200 -11.92 -3.51 -4.59
C PHE A 200 -12.56 -2.68 -3.48
N CYS A 201 -12.56 -3.23 -2.27
CA CYS A 201 -13.20 -2.63 -1.11
C CYS A 201 -12.38 -1.45 -0.60
N TRP A 202 -13.04 -0.61 0.22
CA TRP A 202 -12.36 0.53 0.82
C TRP A 202 -11.15 0.07 1.62
N HIS A 203 -10.00 0.68 1.35
CA HIS A 203 -8.78 0.36 2.07
C HIS A 203 -7.81 1.51 1.93
N ILE A 204 -6.79 1.48 2.78
CA ILE A 204 -5.57 2.23 2.58
C ILE A 204 -4.42 1.24 2.46
N GLU A 205 -3.27 1.72 2.00
CA GLU A 205 -2.13 0.83 1.77
C GLU A 205 -1.40 0.58 3.08
N ASP A 206 -0.73 -0.57 3.14
CA ASP A 206 0.10 -0.90 4.29
C ASP A 206 1.11 0.21 4.53
N HIS A 207 1.30 0.56 5.81
CA HIS A 207 2.24 1.61 6.22
C HIS A 207 1.92 2.96 5.57
N TRP A 208 0.66 3.14 5.16
CA TRP A 208 0.21 4.42 4.59
C TRP A 208 1.04 4.83 3.38
N SER A 209 1.51 3.85 2.62
CA SER A 209 2.34 4.18 1.47
C SER A 209 1.51 4.86 0.39
N TYR A 210 2.20 5.49 -0.55
CA TYR A 210 1.59 5.81 -1.83
C TYR A 210 1.27 4.53 -2.60
N SER A 211 0.38 4.64 -3.60
CA SER A 211 0.30 3.60 -4.60
C SER A 211 0.13 4.25 -5.97
N ILE A 212 0.54 3.50 -6.99
CA ILE A 212 0.37 3.95 -8.37
C ILE A 212 -0.12 2.74 -9.16
N ASN A 213 -1.12 2.98 -10.02
CA ASN A 213 -1.83 1.93 -10.73
C ASN A 213 -1.86 2.31 -12.20
N TYR A 214 -1.48 1.38 -13.06
CA TYR A 214 -1.50 1.61 -14.50
C TYR A 214 -2.46 0.61 -15.13
N LEU A 215 -3.39 1.12 -15.94
CA LEU A 215 -4.34 0.26 -16.66
C LEU A 215 -3.72 -0.05 -18.02
N HIS A 216 -3.25 -1.28 -18.21
CA HIS A 216 -2.58 -1.61 -19.46
C HIS A 216 -3.55 -1.61 -20.64
N TRP A 217 -4.73 -2.18 -20.45
CA TRP A 217 -5.69 -2.30 -21.54
C TRP A 217 -7.03 -2.76 -20.97
N GLY A 218 -8.07 -2.60 -21.77
CA GLY A 218 -9.41 -3.07 -21.45
C GLY A 218 -10.33 -1.92 -21.11
N GLU A 219 -11.49 -2.29 -20.59
CA GLU A 219 -12.50 -1.29 -20.25
C GLU A 219 -12.10 -0.56 -18.97
N PRO A 220 -12.70 0.59 -18.69
CA PRO A 220 -12.17 1.46 -17.64
C PRO A 220 -12.28 0.82 -16.25
N LYS A 221 -11.49 1.36 -15.34
CA LYS A 221 -11.58 1.07 -13.91
C LYS A 221 -12.13 2.31 -13.22
N THR A 222 -13.21 2.15 -12.48
CA THR A 222 -13.84 3.27 -11.81
C THR A 222 -13.33 3.36 -10.37
N TRP A 223 -12.91 4.55 -9.93
CA TRP A 223 -12.31 4.75 -8.60
C TRP A 223 -13.12 5.72 -7.76
N TYR A 224 -13.09 5.50 -6.44
CA TYR A 224 -13.50 6.49 -5.46
C TYR A 224 -12.34 6.69 -4.50
N GLY A 225 -12.05 7.94 -4.18
CA GLY A 225 -10.93 8.27 -3.30
C GLY A 225 -11.30 9.32 -2.28
N VAL A 226 -10.63 9.25 -1.12
CA VAL A 226 -10.86 10.15 0.01
C VAL A 226 -9.50 10.66 0.47
N PRO A 227 -9.32 11.97 0.73
CA PRO A 227 -7.99 12.47 1.11
C PRO A 227 -7.55 11.93 2.46
N GLY A 228 -6.22 11.91 2.64
CA GLY A 228 -5.65 11.40 3.86
C GLY A 228 -6.16 12.11 5.10
N TYR A 229 -6.45 13.41 5.01
CA TYR A 229 -6.89 14.14 6.19
C TYR A 229 -8.25 13.67 6.68
N ALA A 230 -9.03 12.98 5.85
CA ALA A 230 -10.38 12.53 6.20
C ALA A 230 -10.42 11.05 6.57
N ALA A 231 -9.25 10.43 6.76
CA ALA A 231 -9.20 8.99 7.00
C ALA A 231 -9.98 8.59 8.24
N GLU A 232 -9.75 9.26 9.37
CA GLU A 232 -10.43 8.88 10.60
C GLU A 232 -11.92 9.21 10.54
N GLN A 233 -12.26 10.33 9.89
CA GLN A 233 -13.64 10.62 9.54
C GLN A 233 -14.32 9.44 8.88
N LEU A 234 -13.70 8.90 7.83
CA LEU A 234 -14.30 7.77 7.12
C LEU A 234 -14.40 6.54 8.02
N GLU A 235 -13.38 6.29 8.84
CA GLU A 235 -13.41 5.11 9.70
C GLU A 235 -14.54 5.21 10.72
N ASN A 236 -14.76 6.40 11.27
CA ASN A 236 -15.86 6.60 12.22
C ASN A 236 -17.21 6.37 11.56
N VAL A 237 -17.38 6.81 10.32
CA VAL A 237 -18.62 6.52 9.60
C VAL A 237 -18.78 5.02 9.41
N MET A 238 -17.69 4.33 9.05
CA MET A 238 -17.80 2.90 8.81
C MET A 238 -17.98 2.12 10.10
N LYS A 239 -17.35 2.57 11.19
CA LYS A 239 -17.57 1.95 12.50
C LYS A 239 -19.05 1.99 12.88
N LYS A 240 -19.71 3.13 12.68
CA LYS A 240 -21.12 3.26 13.04
C LYS A 240 -21.99 2.30 12.25
N LEU A 241 -21.73 2.16 10.95
CA LEU A 241 -22.63 1.46 10.05
C LEU A 241 -22.28 -0.01 9.86
N ALA A 242 -21.05 -0.42 10.17
CA ALA A 242 -20.64 -1.83 10.04
C ALA A 242 -19.60 -2.15 11.10
N PRO A 243 -20.01 -2.27 12.36
CA PRO A 243 -19.03 -2.53 13.43
C PRO A 243 -18.37 -3.89 13.31
N GLU A 244 -19.03 -4.86 12.65
CA GLU A 244 -18.44 -6.17 12.42
C GLU A 244 -17.05 -6.09 11.80
N LEU A 245 -16.81 -5.09 10.95
CA LEU A 245 -15.52 -4.93 10.27
C LEU A 245 -14.42 -4.45 11.19
N PHE A 246 -14.75 -4.02 12.40
CA PHE A 246 -13.78 -3.48 13.33
C PHE A 246 -13.52 -4.39 14.52
N VAL A 247 -14.21 -5.52 14.62
CA VAL A 247 -13.81 -6.54 15.59
C VAL A 247 -12.45 -7.08 15.15
N SER A 248 -11.43 -6.87 15.97
CA SER A 248 -10.05 -7.13 15.57
C SER A 248 -9.87 -8.58 15.16
N GLN A 249 -9.73 -8.83 13.85
CA GLN A 249 -9.38 -10.15 13.36
C GLN A 249 -7.88 -10.41 13.58
N PRO A 250 -7.48 -11.66 13.76
CA PRO A 250 -6.22 -11.96 14.47
C PRO A 250 -4.96 -12.03 13.62
N ASP A 251 -4.99 -11.68 12.32
CA ASP A 251 -3.81 -11.86 11.49
C ASP A 251 -3.65 -10.69 10.53
N LEU A 252 -2.49 -10.64 9.88
CA LEU A 252 -2.27 -9.71 8.79
C LEU A 252 -2.99 -10.16 7.52
N LEU A 253 -3.40 -11.44 7.46
CA LEU A 253 -4.18 -11.97 6.35
C LEU A 253 -5.67 -12.07 6.69
N HIS A 254 -6.08 -11.66 7.88
CA HIS A 254 -7.45 -11.84 8.36
C HIS A 254 -8.26 -10.54 8.36
N GLN A 255 -7.74 -9.47 7.73
CA GLN A 255 -8.34 -8.14 7.85
C GLN A 255 -9.64 -8.04 7.04
N LEU A 256 -10.62 -7.33 7.59
CA LEU A 256 -11.96 -7.22 7.03
C LEU A 256 -12.15 -5.87 6.33
N VAL A 257 -12.68 -5.91 5.11
CA VAL A 257 -12.94 -4.72 4.29
C VAL A 257 -14.34 -4.86 3.70
N THR A 258 -14.85 -3.77 3.11
CA THR A 258 -16.21 -3.80 2.58
C THR A 258 -16.46 -2.79 1.48
N ILE A 259 -17.50 -3.07 0.70
CA ILE A 259 -18.05 -2.14 -0.28
C ILE A 259 -18.97 -1.18 0.47
N MET A 260 -18.87 0.11 0.16
CA MET A 260 -19.77 1.08 0.79
C MET A 260 -19.98 2.27 -0.14
N ASN A 261 -21.24 2.62 -0.34
CA ASN A 261 -21.62 3.65 -1.30
C ASN A 261 -20.94 4.98 -0.97
N PRO A 262 -20.24 5.59 -1.90
CA PRO A 262 -19.66 6.91 -1.57
C PRO A 262 -20.69 7.95 -1.19
N ASN A 263 -21.96 7.83 -1.64
CA ASN A 263 -22.98 8.79 -1.22
C ASN A 263 -23.22 8.71 0.28
N THR A 264 -23.02 7.54 0.87
CA THR A 264 -23.15 7.41 2.32
C THR A 264 -22.06 8.20 3.02
N LEU A 265 -20.82 8.08 2.54
CA LEU A 265 -19.75 8.92 3.08
C LEU A 265 -20.05 10.40 2.87
N MET A 266 -20.52 10.76 1.68
CA MET A 266 -20.78 12.17 1.38
C MET A 266 -21.91 12.72 2.26
N THR A 267 -22.94 11.92 2.51
CA THR A 267 -23.99 12.33 3.43
C THR A 267 -23.42 12.64 4.82
N HIS A 268 -22.37 11.93 5.23
CA HIS A 268 -21.77 12.19 6.53
C HIS A 268 -20.59 13.15 6.42
N GLU A 269 -20.54 13.95 5.36
CA GLU A 269 -19.56 15.03 5.19
C GLU A 269 -18.13 14.51 5.06
N VAL A 270 -17.96 13.30 4.54
CA VAL A 270 -16.64 12.81 4.14
C VAL A 270 -16.43 13.20 2.69
N PRO A 271 -15.37 13.96 2.38
CA PRO A 271 -15.08 14.28 0.98
C PRO A 271 -14.66 13.03 0.19
N VAL A 272 -15.33 12.82 -0.93
CA VAL A 272 -15.09 11.69 -1.83
C VAL A 272 -14.97 12.22 -3.25
N TYR A 273 -14.00 11.70 -4.00
CA TYR A 273 -13.80 12.03 -5.40
C TYR A 273 -13.83 10.76 -6.24
N ARG A 274 -14.15 10.89 -7.53
CA ARG A 274 -14.25 9.75 -8.42
C ARG A 274 -13.38 9.96 -9.66
N THR A 275 -13.13 8.87 -10.37
CA THR A 275 -12.62 8.97 -11.73
C THR A 275 -12.84 7.64 -12.44
N ASN A 276 -12.91 7.72 -13.77
CA ASN A 276 -12.83 6.57 -14.65
C ASN A 276 -11.41 6.54 -15.19
N GLN A 277 -10.66 5.52 -14.83
CA GLN A 277 -9.32 5.33 -15.35
C GLN A 277 -9.45 4.52 -16.62
N CYS A 278 -8.96 5.05 -17.74
CA CYS A 278 -9.00 4.34 -19.00
C CYS A 278 -7.64 3.74 -19.30
N ALA A 279 -7.63 2.81 -20.27
CA ALA A 279 -6.41 2.17 -20.72
C ALA A 279 -5.35 3.21 -21.05
N GLY A 280 -4.12 2.98 -20.58
CA GLY A 280 -3.03 3.91 -20.79
C GLY A 280 -2.91 5.00 -19.75
N GLU A 281 -3.78 5.03 -18.75
CA GLU A 281 -3.73 6.08 -17.74
C GLU A 281 -3.31 5.53 -16.38
N PHE A 282 -2.73 6.41 -15.57
CA PHE A 282 -2.30 6.11 -14.21
C PHE A 282 -3.25 6.73 -13.22
N VAL A 283 -3.48 6.03 -12.12
CA VAL A 283 -4.09 6.59 -10.91
C VAL A 283 -3.06 6.47 -9.79
N ILE A 284 -2.89 7.56 -9.05
CA ILE A 284 -1.99 7.59 -7.90
C ILE A 284 -2.83 7.82 -6.66
N THR A 285 -2.58 7.04 -5.61
CA THR A 285 -3.20 7.30 -4.32
C THR A 285 -2.14 7.80 -3.34
N PHE A 286 -2.54 8.75 -2.50
CA PHE A 286 -1.63 9.39 -1.58
C PHE A 286 -1.68 8.74 -0.20
N PRO A 287 -0.72 9.04 0.67
CA PRO A 287 -0.64 8.33 1.97
C PRO A 287 -1.92 8.47 2.78
N ARG A 288 -2.40 7.32 3.30
N ARG A 288 -2.40 7.33 3.29
CA ARG A 288 -3.62 7.25 4.11
CA ARG A 288 -3.62 7.23 4.11
C ARG A 288 -4.83 7.80 3.34
C ARG A 288 -4.88 7.60 3.34
N ALA A 289 -4.81 7.69 2.01
CA ALA A 289 -5.99 8.01 1.20
C ALA A 289 -6.82 6.75 0.99
N TYR A 290 -8.01 6.70 1.58
CA TYR A 290 -8.91 5.58 1.34
C TYR A 290 -9.36 5.56 -0.12
N HIS A 291 -9.43 4.36 -0.69
CA HIS A 291 -9.96 4.24 -2.04
C HIS A 291 -10.68 2.92 -2.21
N SER A 292 -11.57 2.88 -3.20
CA SER A 292 -12.35 1.71 -3.57
C SER A 292 -12.73 1.90 -5.04
N GLY A 293 -13.38 0.90 -5.61
CA GLY A 293 -13.79 1.04 -6.99
C GLY A 293 -14.22 -0.29 -7.57
N PHE A 294 -14.40 -0.29 -8.89
CA PHE A 294 -14.84 -1.49 -9.57
C PHE A 294 -14.44 -1.38 -11.03
N ASN A 295 -14.35 -2.52 -11.68
CA ASN A 295 -13.97 -2.57 -13.07
C ASN A 295 -15.24 -2.55 -13.93
N GLN A 296 -15.20 -1.77 -15.01
CA GLN A 296 -16.33 -1.65 -15.92
C GLN A 296 -16.47 -2.86 -16.84
N GLY A 297 -15.42 -3.65 -17.00
CA GLY A 297 -15.46 -4.77 -17.91
C GLY A 297 -14.12 -5.47 -17.86
N PHE A 298 -13.85 -6.31 -18.86
CA PHE A 298 -12.60 -7.06 -18.92
C PHE A 298 -11.43 -6.09 -19.03
N ASN A 299 -10.48 -6.16 -18.10
CA ASN A 299 -9.32 -5.27 -18.20
C ASN A 299 -8.13 -5.86 -17.43
N PHE A 300 -7.00 -5.15 -17.51
CA PHE A 300 -5.73 -5.63 -16.97
C PHE A 300 -4.96 -4.44 -16.45
N ALA A 301 -4.71 -4.43 -15.14
CA ALA A 301 -4.06 -3.33 -14.46
C ALA A 301 -2.89 -3.86 -13.68
N GLU A 302 -1.95 -2.96 -13.38
CA GLU A 302 -0.75 -3.30 -12.63
C GLU A 302 -0.47 -2.16 -11.65
N ALA A 303 -0.13 -2.49 -10.41
CA ALA A 303 -0.01 -1.49 -9.36
C ALA A 303 1.13 -1.81 -8.40
N VAL A 304 1.69 -0.77 -7.80
CA VAL A 304 2.78 -0.97 -6.84
C VAL A 304 2.72 0.14 -5.81
N ASN A 305 3.04 -0.21 -4.57
CA ASN A 305 3.25 0.75 -3.50
C ASN A 305 4.60 1.40 -3.64
N PHE A 306 4.71 2.61 -3.09
CA PHE A 306 6.01 3.23 -3.01
C PHE A 306 6.00 4.28 -1.92
N CYS A 307 7.19 4.66 -1.49
CA CYS A 307 7.37 5.58 -0.37
C CYS A 307 8.39 6.64 -0.75
N THR A 308 7.95 7.89 -0.78
CA THR A 308 8.85 9.01 -1.04
C THR A 308 9.34 9.60 0.28
N VAL A 309 10.25 10.59 0.20
CA VAL A 309 10.72 11.27 1.41
C VAL A 309 9.58 12.04 2.07
N ASP A 310 8.64 12.55 1.28
CA ASP A 310 7.43 13.16 1.84
C ASP A 310 6.76 12.22 2.83
N TRP A 311 6.82 10.93 2.55
CA TRP A 311 6.09 9.93 3.33
C TRP A 311 6.75 9.59 4.66
N LEU A 312 8.08 9.76 4.78
CA LEU A 312 8.79 9.23 5.96
C LEU A 312 8.13 9.56 7.30
N PRO A 313 7.77 10.82 7.62
CA PRO A 313 7.11 11.06 8.91
C PRO A 313 5.78 10.34 9.06
N LEU A 314 5.03 10.20 7.95
CA LEU A 314 3.76 9.48 8.00
C LEU A 314 3.98 8.00 8.25
N GLY A 315 5.07 7.45 7.71
CA GLY A 315 5.40 6.06 8.01
C GLY A 315 5.64 5.85 9.50
N ARG A 316 6.33 6.80 10.14
CA ARG A 316 6.50 6.71 11.60
C ARG A 316 5.16 6.84 12.31
N GLN A 317 4.35 7.82 11.91
N GLN A 317 4.35 7.83 11.92
CA GLN A 317 3.04 7.99 12.51
CA GLN A 317 3.02 7.98 12.52
C GLN A 317 2.16 6.77 12.30
C GLN A 317 2.20 6.71 12.34
N CYS A 318 2.29 6.09 11.16
CA CYS A 318 1.52 4.88 10.90
C CYS A 318 1.86 3.78 11.90
N VAL A 319 3.16 3.55 12.12
CA VAL A 319 3.56 2.45 13.01
C VAL A 319 3.09 2.71 14.44
N GLU A 320 3.13 3.98 14.87
CA GLU A 320 2.52 4.34 16.14
C GLU A 320 1.04 3.98 16.15
N HIS A 321 0.31 4.35 15.09
CA HIS A 321 -1.10 4.00 14.98
C HIS A 321 -1.32 2.48 14.99
N TYR A 322 -0.45 1.71 14.31
CA TYR A 322 -0.57 0.24 14.35
C TYR A 322 -0.40 -0.29 15.77
N ARG A 323 0.63 0.16 16.47
CA ARG A 323 0.90 -0.30 17.84
C ARG A 323 -0.36 -0.16 18.70
N LEU A 324 -1.11 0.92 18.51
CA LEU A 324 -2.30 1.24 19.28
C LEU A 324 -3.52 0.41 18.88
N LEU A 325 -3.62 -0.02 17.63
CA LEU A 325 -4.65 -0.97 17.21
C LEU A 325 -4.25 -2.41 17.44
N HIS A 326 -3.02 -2.66 17.92
CA HIS A 326 -2.47 -4.00 18.01
C HIS A 326 -2.43 -4.67 16.64
N ARG A 327 -2.18 -3.88 15.60
CA ARG A 327 -2.08 -4.36 14.23
C ARG A 327 -0.63 -4.77 13.92
N TYR A 328 -0.48 -5.87 13.19
CA TYR A 328 0.83 -6.33 12.78
C TYR A 328 1.45 -5.36 11.77
N CYS A 329 2.77 -5.27 11.80
CA CYS A 329 3.55 -4.47 10.87
C CYS A 329 4.02 -5.34 9.73
N VAL A 330 4.18 -4.72 8.56
CA VAL A 330 4.78 -5.44 7.44
C VAL A 330 6.29 -5.42 7.56
N PHE A 331 6.86 -4.33 8.07
CA PHE A 331 8.29 -4.20 8.31
C PHE A 331 8.47 -3.25 9.48
N SER A 332 9.70 -3.20 9.97
CA SER A 332 10.05 -2.24 11.01
C SER A 332 10.48 -0.92 10.37
N HIS A 333 9.78 0.16 10.69
CA HIS A 333 10.16 1.47 10.18
C HIS A 333 11.54 1.88 10.71
N ASP A 334 11.82 1.64 11.99
CA ASP A 334 13.12 2.02 12.53
C ASP A 334 14.24 1.22 11.88
N GLU A 335 14.00 -0.07 11.62
CA GLU A 335 14.99 -0.86 10.92
C GLU A 335 15.31 -0.28 9.55
N MET A 336 14.28 0.16 8.82
CA MET A 336 14.51 0.78 7.52
C MET A 336 15.34 2.06 7.67
N ILE A 337 15.00 2.90 8.65
CA ILE A 337 15.75 4.15 8.87
C ILE A 337 17.22 3.84 9.15
N CYS A 338 17.49 2.88 10.04
CA CYS A 338 18.87 2.57 10.41
C CYS A 338 19.63 1.95 9.24
N LYS A 339 18.94 1.11 8.46
CA LYS A 339 19.56 0.57 7.24
C LYS A 339 19.99 1.71 6.32
N MET A 340 19.14 2.70 6.12
CA MET A 340 19.52 3.81 5.26
C MET A 340 20.67 4.60 5.86
N ALA A 341 20.63 4.86 7.17
CA ALA A 341 21.75 5.55 7.83
C ALA A 341 23.06 4.80 7.60
N SER A 342 23.03 3.47 7.68
CA SER A 342 24.25 2.68 7.46
C SER A 342 24.73 2.74 6.02
N LYS A 343 23.91 3.22 5.09
CA LYS A 343 24.31 3.44 3.70
C LYS A 343 24.34 4.93 3.36
N ALA A 344 24.65 5.79 4.34
CA ALA A 344 24.54 7.23 4.12
C ALA A 344 25.35 7.69 2.91
N ASP A 345 26.57 7.14 2.73
CA ASP A 345 27.44 7.61 1.65
C ASP A 345 26.82 7.42 0.27
N VAL A 346 25.92 6.44 0.09
CA VAL A 346 25.35 6.17 -1.23
C VAL A 346 23.97 6.76 -1.40
N LEU A 347 23.43 7.45 -0.40
CA LEU A 347 22.06 7.94 -0.48
C LEU A 347 21.98 9.22 -1.29
N ASP A 348 20.85 9.40 -1.96
CA ASP A 348 20.51 10.71 -2.49
C ASP A 348 20.54 11.74 -1.35
N VAL A 349 21.04 12.94 -1.64
CA VAL A 349 21.30 13.90 -0.57
C VAL A 349 20.01 14.41 0.07
N VAL A 350 18.93 14.53 -0.70
CA VAL A 350 17.67 14.97 -0.10
C VAL A 350 17.07 13.84 0.71
N VAL A 351 17.23 12.60 0.24
CA VAL A 351 16.87 11.44 1.05
C VAL A 351 17.65 11.46 2.36
N ALA A 352 18.96 11.72 2.29
CA ALA A 352 19.78 11.70 3.49
C ALA A 352 19.29 12.75 4.48
N SER A 353 18.97 13.96 3.99
CA SER A 353 18.48 15.02 4.86
C SER A 353 17.17 14.64 5.54
N THR A 354 16.26 14.00 4.79
CA THR A 354 14.97 13.63 5.35
C THR A 354 15.09 12.47 6.32
N VAL A 355 15.90 11.46 5.99
CA VAL A 355 16.12 10.37 6.94
C VAL A 355 16.74 10.90 8.23
N GLN A 356 17.64 11.87 8.11
CA GLN A 356 18.30 12.39 9.31
C GLN A 356 17.27 13.00 10.28
N LYS A 357 16.28 13.72 9.74
CA LYS A 357 15.26 14.32 10.59
C LYS A 357 14.41 13.25 11.27
N ASP A 358 14.04 12.19 10.54
CA ASP A 358 13.28 11.10 11.15
C ASP A 358 14.11 10.40 12.21
N MET A 359 15.40 10.22 11.93
CA MET A 359 16.27 9.55 12.90
C MET A 359 16.43 10.36 14.17
N ALA A 360 16.44 11.69 14.08
CA ALA A 360 16.55 12.50 15.30
C ALA A 360 15.34 12.26 16.21
N ILE A 361 14.15 12.19 15.62
CA ILE A 361 12.95 11.88 16.40
C ILE A 361 13.05 10.48 16.99
N MET A 362 13.47 9.52 16.17
CA MET A 362 13.62 8.15 16.65
C MET A 362 14.53 8.10 17.87
N ILE A 363 15.65 8.80 17.81
CA ILE A 363 16.63 8.68 18.89
C ILE A 363 16.10 9.35 20.15
N GLU A 364 15.47 10.51 20.00
CA GLU A 364 14.90 11.18 21.17
C GLU A 364 13.77 10.35 21.78
N ASP A 365 12.92 9.73 20.96
CA ASP A 365 11.90 8.86 21.52
C ASP A 365 12.53 7.68 22.23
N GLU A 366 13.58 7.11 21.64
CA GLU A 366 14.20 5.92 22.19
C GLU A 366 14.88 6.24 23.52
N LYS A 367 15.52 7.40 23.60
CA LYS A 367 16.17 7.84 24.84
C LYS A 367 15.15 7.91 25.97
N ALA A 368 13.98 8.50 25.71
CA ALA A 368 12.96 8.64 26.75
C ALA A 368 12.38 7.29 27.16
N LEU A 369 12.14 6.40 26.18
CA LEU A 369 11.62 5.07 26.51
C LEU A 369 12.59 4.29 27.37
N ARG A 370 13.90 4.40 27.08
CA ARG A 370 14.87 3.65 27.86
C ARG A 370 14.99 4.22 29.26
N GLU A 371 14.83 5.52 29.41
CA GLU A 371 14.84 6.11 30.75
C GLU A 371 13.64 5.65 31.56
N THR A 372 12.46 5.61 30.93
CA THR A 372 11.26 5.09 31.60
C THR A 372 11.44 3.64 32.06
N VAL A 373 11.96 2.77 31.19
CA VAL A 373 12.03 1.36 31.61
C VAL A 373 13.11 1.17 32.66
N ARG A 374 14.18 1.98 32.63
CA ARG A 374 15.17 1.90 33.71
C ARG A 374 14.54 2.28 35.05
N LYS A 375 13.64 3.27 35.05
CA LYS A 375 12.98 3.65 36.29
C LYS A 375 11.99 2.60 36.75
N LEU A 376 11.61 1.66 35.88
CA LEU A 376 10.77 0.54 36.28
C LEU A 376 11.58 -0.59 36.93
N GLY A 377 12.89 -0.47 37.02
CA GLY A 377 13.70 -1.49 37.64
C GLY A 377 14.33 -2.49 36.69
N VAL A 378 14.22 -2.27 35.38
CA VAL A 378 14.96 -3.06 34.39
C VAL A 378 16.40 -2.58 34.36
N ILE A 379 17.31 -3.41 34.85
CA ILE A 379 18.70 -3.02 35.00
C ILE A 379 19.59 -3.73 33.99
N ASP A 380 19.48 -5.04 33.92
CA ASP A 380 20.28 -5.81 32.98
C ASP A 380 19.94 -5.42 31.54
N SER A 381 20.95 -5.51 30.67
CA SER A 381 20.74 -5.24 29.26
C SER A 381 21.78 -6.02 28.45
N GLU A 382 21.47 -6.25 27.18
CA GLU A 382 22.38 -6.92 26.27
C GLU A 382 22.04 -6.52 24.84
N ARG A 383 23.04 -6.27 24.02
CA ARG A 383 22.78 -5.95 22.62
C ARG A 383 22.11 -7.14 21.95
N MET A 384 21.23 -6.85 20.99
CA MET A 384 20.61 -7.93 20.23
C MET A 384 20.40 -7.48 18.79
N ASP A 385 20.85 -8.32 17.83
CA ASP A 385 20.66 -8.06 16.40
C ASP A 385 19.25 -8.45 15.99
N PHE A 386 18.30 -7.56 16.28
CA PHE A 386 16.89 -7.82 16.01
C PHE A 386 16.62 -8.18 14.56
N GLU A 387 17.39 -7.58 13.63
CA GLU A 387 17.10 -7.79 12.22
C GLU A 387 17.32 -9.24 11.80
N LEU A 388 18.07 -10.02 12.59
CA LEU A 388 18.27 -11.43 12.28
C LEU A 388 17.07 -12.28 12.65
N LEU A 389 16.19 -11.80 13.51
CA LEU A 389 15.08 -12.63 13.96
C LEU A 389 13.96 -12.61 12.93
N PRO A 390 13.36 -13.76 12.63
CA PRO A 390 12.10 -13.74 11.87
C PRO A 390 11.08 -12.83 12.54
N ASP A 391 10.21 -12.24 11.74
CA ASP A 391 9.31 -11.21 12.26
C ASP A 391 8.42 -11.76 13.38
N ASP A 392 7.96 -13.00 13.25
CA ASP A 392 7.08 -13.56 14.28
C ASP A 392 7.82 -13.85 15.57
N GLU A 393 9.14 -13.79 15.58
CA GLU A 393 9.90 -13.95 16.80
C GLU A 393 10.29 -12.62 17.44
N ARG A 394 9.87 -11.49 16.88
CA ARG A 394 10.22 -10.23 17.53
C ARG A 394 9.06 -9.26 17.52
N GLN A 395 7.84 -9.79 17.69
CA GLN A 395 6.65 -8.98 17.85
C GLN A 395 6.33 -8.82 19.33
N CYS A 396 5.98 -7.59 19.71
CA CYS A 396 5.51 -7.33 21.05
C CYS A 396 4.31 -8.21 21.39
N VAL A 397 4.38 -8.89 22.53
CA VAL A 397 3.31 -9.76 23.00
C VAL A 397 1.99 -8.99 23.09
N LYS A 398 2.06 -7.73 23.54
CA LYS A 398 0.85 -6.94 23.73
C LYS A 398 0.36 -6.32 22.42
N CYS A 399 1.19 -5.49 21.77
CA CYS A 399 0.71 -4.66 20.68
C CYS A 399 1.11 -5.16 19.29
N LYS A 400 1.82 -6.28 19.21
CA LYS A 400 2.24 -6.94 17.97
C LYS A 400 3.22 -6.12 17.13
N THR A 401 3.71 -5.00 17.64
CA THR A 401 4.64 -4.23 16.84
C THR A 401 5.91 -5.05 16.58
N THR A 402 6.53 -4.83 15.43
CA THR A 402 7.79 -5.48 15.12
C THR A 402 8.92 -4.69 15.81
N CYS A 403 9.63 -5.36 16.73
CA CYS A 403 10.68 -4.70 17.50
C CYS A 403 11.96 -4.56 16.66
N PHE A 404 12.68 -3.47 16.89
CA PHE A 404 14.01 -3.34 16.30
C PHE A 404 14.95 -2.52 17.17
N MET A 405 14.54 -1.33 17.59
CA MET A 405 15.44 -0.51 18.41
C MET A 405 15.72 -1.18 19.75
N SER A 406 14.68 -1.73 20.39
CA SER A 406 14.80 -2.41 21.68
C SER A 406 13.53 -3.17 22.03
N ALA A 407 13.66 -4.06 23.01
CA ALA A 407 12.53 -4.81 23.56
C ALA A 407 12.94 -5.29 24.94
N ILE A 408 11.96 -5.79 25.68
CA ILE A 408 12.20 -6.35 27.02
C ILE A 408 11.96 -7.85 26.94
N SER A 409 12.87 -8.63 27.51
CA SER A 409 12.71 -10.06 27.64
C SER A 409 12.72 -10.40 29.13
N CYS A 410 12.37 -11.64 29.43
CA CYS A 410 12.40 -12.12 30.80
C CYS A 410 12.76 -13.60 30.82
N SER A 411 13.62 -13.98 31.77
CA SER A 411 13.95 -15.39 31.97
C SER A 411 12.70 -16.22 32.29
N CYS A 412 11.70 -15.61 32.93
CA CYS A 412 10.48 -16.32 33.29
C CYS A 412 9.61 -16.69 32.09
N LYS A 413 9.76 -16.01 30.96
CA LYS A 413 8.97 -16.30 29.76
C LYS A 413 9.91 -16.32 28.57
N PRO A 414 10.69 -17.39 28.42
CA PRO A 414 11.75 -17.39 27.41
C PRO A 414 11.18 -17.27 25.99
N GLY A 415 11.84 -16.45 25.18
CA GLY A 415 11.44 -16.23 23.81
C GLY A 415 10.43 -15.13 23.60
N LEU A 416 9.72 -14.70 24.66
CA LEU A 416 8.74 -13.63 24.53
C LEU A 416 9.39 -12.25 24.65
N LEU A 417 8.84 -11.30 23.90
CA LEU A 417 9.31 -9.93 23.92
C LEU A 417 8.12 -8.97 24.03
N VAL A 418 8.37 -7.83 24.67
CA VAL A 418 7.46 -6.68 24.58
C VAL A 418 8.27 -5.47 24.14
N CYS A 419 7.61 -4.56 23.42
CA CYS A 419 8.25 -3.27 23.19
C CYS A 419 8.27 -2.48 24.51
N LEU A 420 8.95 -1.35 24.48
CA LEU A 420 9.18 -0.62 25.72
C LEU A 420 7.95 0.13 26.21
N HIS A 421 6.87 0.21 25.40
CA HIS A 421 5.60 0.71 25.90
C HIS A 421 4.84 -0.31 26.74
N HIS A 422 5.18 -1.58 26.66
CA HIS A 422 4.39 -2.65 27.27
C HIS A 422 5.24 -3.52 28.19
N VAL A 423 6.16 -2.88 28.90
CA VAL A 423 6.98 -3.58 29.89
C VAL A 423 6.12 -4.37 30.87
N LYS A 424 5.01 -3.78 31.33
CA LYS A 424 4.23 -4.44 32.38
C LYS A 424 3.41 -5.62 31.87
N GLU A 425 3.49 -5.95 30.58
CA GLU A 425 2.65 -6.97 29.96
C GLU A 425 3.39 -8.26 29.64
N LEU A 426 4.65 -8.40 30.05
CA LEU A 426 5.46 -9.53 29.59
C LEU A 426 5.29 -10.77 30.46
N CYS A 427 5.36 -10.60 31.79
CA CYS A 427 5.33 -11.73 32.71
C CYS A 427 5.07 -11.19 34.11
N SER A 428 4.89 -12.11 35.06
CA SER A 428 4.57 -11.74 36.42
C SER A 428 5.79 -11.65 37.33
N CYS A 429 6.99 -11.77 36.78
CA CYS A 429 8.20 -11.78 37.59
C CYS A 429 8.66 -10.36 37.91
N PRO A 430 9.40 -10.17 39.00
CA PRO A 430 9.84 -8.82 39.37
C PRO A 430 10.73 -8.22 38.29
N PRO A 431 10.92 -6.90 38.30
CA PRO A 431 11.56 -6.25 37.14
C PRO A 431 13.05 -6.57 37.03
N TYR A 432 13.70 -6.91 38.14
CA TYR A 432 15.13 -7.19 38.06
C TYR A 432 15.43 -8.47 37.30
N LYS A 433 14.42 -9.28 37.02
CA LYS A 433 14.60 -10.45 36.18
C LYS A 433 14.40 -10.13 34.70
N TYR A 434 14.08 -8.89 34.36
CA TYR A 434 13.91 -8.51 32.97
C TYR A 434 15.25 -8.11 32.38
N LYS A 435 15.27 -7.99 31.06
CA LYS A 435 16.49 -7.59 30.39
C LYS A 435 16.07 -6.68 29.24
N LEU A 436 16.75 -5.55 29.12
CA LEU A 436 16.60 -4.70 27.94
C LEU A 436 17.48 -5.22 26.83
N ARG A 437 16.86 -5.64 25.72
CA ARG A 437 17.61 -6.01 24.53
C ARG A 437 17.55 -4.84 23.56
N TYR A 438 18.71 -4.37 23.13
CA TYR A 438 18.81 -3.15 22.33
C TYR A 438 19.67 -3.40 21.10
N ARG A 439 19.30 -2.75 19.99
CA ARG A 439 20.10 -2.91 18.79
C ARG A 439 21.36 -2.06 18.86
N TYR A 440 21.22 -0.81 19.29
CA TYR A 440 22.31 0.16 19.34
C TYR A 440 22.32 0.85 20.70
N THR A 441 23.51 1.15 21.20
CA THR A 441 23.58 2.15 22.26
C THR A 441 23.33 3.53 21.65
N LEU A 442 22.87 4.47 22.48
CA LEU A 442 22.70 5.84 22.02
C LEU A 442 23.99 6.38 21.42
N ASP A 443 25.14 5.98 21.98
CA ASP A 443 26.44 6.37 21.44
C ASP A 443 26.70 5.81 20.04
N ASP A 444 26.12 4.66 19.70
CA ASP A 444 26.21 4.20 18.31
C ASP A 444 25.33 5.04 17.40
N LEU A 445 24.22 5.54 17.93
CA LEU A 445 23.20 6.12 17.07
C LEU A 445 23.61 7.51 16.56
N TYR A 446 24.26 8.30 17.41
CA TYR A 446 24.60 9.67 17.00
C TYR A 446 25.59 9.71 15.84
N PRO A 447 26.65 8.90 15.78
CA PRO A 447 27.49 8.90 14.56
C PRO A 447 26.75 8.49 13.29
N MET A 448 25.79 7.56 13.40
CA MET A 448 25.00 7.21 12.21
C MET A 448 24.22 8.41 11.72
N MET A 449 23.59 9.15 12.63
CA MET A 449 22.88 10.34 12.21
C MET A 449 23.83 11.38 11.63
N ASN A 450 25.05 11.49 12.17
CA ASN A 450 26.00 12.48 11.66
C ASN A 450 26.47 12.13 10.25
N ALA A 451 26.65 10.83 9.95
CA ALA A 451 26.95 10.45 8.58
C ALA A 451 25.91 10.98 7.63
N LEU A 452 24.63 10.89 8.02
CA LEU A 452 23.56 11.42 7.20
C LEU A 452 23.68 12.92 7.02
N LYS A 453 24.02 13.65 8.10
CA LYS A 453 24.17 15.09 8.00
C LYS A 453 25.30 15.46 7.05
N LEU A 454 26.45 14.79 7.17
CA LEU A 454 27.55 15.04 6.25
C LEU A 454 27.13 14.80 4.80
N ARG A 455 26.50 13.64 4.54
CA ARG A 455 26.00 13.37 3.20
C ARG A 455 25.03 14.45 2.74
N ALA A 456 24.18 14.93 3.65
CA ALA A 456 23.15 15.89 3.25
C ALA A 456 23.72 17.28 3.01
N GLU A 457 24.70 17.71 3.82
CA GLU A 457 25.21 19.08 3.76
C GLU A 457 26.12 19.33 2.56
N SER A 458 26.65 18.28 1.94
CA SER A 458 27.42 18.43 0.71
C SER A 458 26.50 18.57 -0.50
ZN ZN B . 4.13 -3.21 22.55
MN MN C . -26.64 -7.58 -3.55
C1 EDO D . 10.69 -0.83 18.91
O1 EDO D . 11.69 -1.86 19.13
C2 EDO D . 11.18 0.37 18.07
O2 EDO D . 11.98 -0.01 16.92
C1 EDO E . -2.75 12.17 6.32
O1 EDO E . -3.19 13.52 6.45
C2 EDO E . -2.09 11.70 7.61
O2 EDO E . -3.11 11.32 8.54
S DMS F . -4.76 1.70 9.42
O DMS F . -3.98 2.60 10.30
C1 DMS F . -4.45 -0.05 9.74
C2 DMS F . -6.49 1.70 9.98
S DMS G . -1.29 -2.41 -4.58
O DMS G . -2.48 -2.41 -5.51
C1 DMS G . 0.26 -2.96 -5.33
C2 DMS G . -0.75 -0.73 -4.24
S DMS H . -3.32 -12.55 -12.03
O DMS H . -3.56 -11.09 -11.79
C1 DMS H . -1.61 -13.05 -11.71
C2 DMS H . -4.17 -13.44 -10.71
S DMS I . 20.62 -2.27 10.39
O DMS I . 21.69 -1.83 9.44
C1 DMS I . 18.98 -2.04 9.65
C2 DMS I . 20.62 -4.06 10.44
S DMS J . -2.47 -0.67 25.31
O DMS J . -2.82 -0.53 23.87
C1 DMS J . -1.42 0.73 25.81
C2 DMS J . -3.95 -0.45 26.35
MN MN K . -5.06 0.17 -3.02
N B7K L . -7.95 -3.12 -8.22
C B7K L . -8.64 -4.22 -8.74
O B7K L . -9.17 -4.16 -9.85
C1 B7K L . -7.46 -3.05 -6.95
C10 B7K L . -8.28 -6.32 -5.50
C11 B7K L . -7.37 -6.67 -4.52
C12 B7K L . -7.49 -8.24 -2.43
C13 B7K L . -6.71 -7.32 -1.49
C14 B7K L . -5.21 -7.56 -1.58
C15 B7K L . -4.17 -9.71 -0.49
C16 B7K L . -3.21 -9.04 0.44
C17 B7K L . -2.99 -7.74 0.41
C18 B7K L . -5.47 -9.74 -2.47
C19 B7K L . -6.99 -9.69 -2.45
C2 B7K L . -6.92 -1.78 -6.81
C20 B7K L . -9.40 -7.16 -5.25
C3 B7K L . -6.42 -1.17 -5.61
C4 B7K L . -7.09 -1.18 -8.07
C5 B7K L . -8.77 -5.35 -7.85
C6 B7K L . -9.48 -6.60 -8.32
C7 B7K L . -10.99 -6.46 -8.29
C8 B7K L . -8.98 -7.14 -9.69
C9 B7K L . -8.23 -5.29 -6.56
N1 B7K L . -7.58 -4.14 -6.12
N2 B7K L . -6.02 -0.66 -4.68
N3 B7K L . -7.70 -1.97 -8.93
N4 B7K L . -7.97 -7.62 -3.76
N5 B7K L . -4.89 -8.98 -1.37
N6 B7K L . -9.20 -7.94 -4.21
O1 B7K L . -4.31 -10.93 -0.43
#